data_6A5C
#
_entry.id   6A5C
#
_cell.length_a   123.374
_cell.length_b   41.329
_cell.length_c   93.366
_cell.angle_alpha   90.000
_cell.angle_beta   118.020
_cell.angle_gamma   90.000
#
_symmetry.space_group_name_H-M   'C 1 2 1'
#
loop_
_entity.id
_entity.type
_entity.pdbx_description
1 polymer 'Receptor-like protein kinase ANXUR2'
2 water water
#
_entity_poly.entity_id   1
_entity_poly.type   'polypeptide(L)'
_entity_poly.pdbx_seq_one_letter_code
;SPSQSNGQDISLSCGASEPAVDQDKKKWEPDTKFLKTPNTVHAPATYQDPSLLSTVPYMTSRIFTAPATYEIPVKGDKRH
MLRLHFYPSTYTGLNILDSYFSVAANDLTLLSNFSAAITCQALTQAYLVREYSLAPSEKDVLSIIFTPSDKHPKAFAFIN
GIEVIPMPELFDTASLVGFSDQTSDTKTANLQTMFRLNVGGQDIPGSQDSGGLTRTWYNDAPYIFSAGLGVTLQASNNFR
IDYQKMPVSTAPADVYKTARSQGPNGDINMKSNLTWMFQVDTNFTYIMRLHFCEFQLAKINQKVFNIFINNRTAQGDTNP
ADILGWTGGKGIPTYKDYAIYVDANTGGGGEEISLQMTPSTFGQPEYYDSQLNGLEIFKIDTMKNLAGPNPKPSPMQANE
DVKKDFQGDKRITAFVIGSAGGVAAVLFCA
;
_entity_poly.pdbx_strand_id   A
#
# COMPACT_ATOMS: atom_id res chain seq x y z
N GLY A 7 -5.80 12.37 -17.48
CA GLY A 7 -5.35 12.41 -16.11
C GLY A 7 -3.84 12.25 -15.97
N GLN A 8 -3.11 13.34 -16.22
CA GLN A 8 -1.66 13.32 -16.11
C GLN A 8 -1.25 13.46 -14.65
N ASP A 9 -0.12 12.83 -14.31
CA ASP A 9 0.42 12.96 -12.98
C ASP A 9 0.97 14.36 -12.73
N ILE A 10 0.97 14.76 -11.46
CA ILE A 10 1.75 15.89 -10.99
C ILE A 10 2.71 15.31 -9.96
N SER A 11 4.00 15.30 -10.29
CA SER A 11 5.04 14.76 -9.42
C SER A 11 6.02 15.87 -9.08
N LEU A 12 5.97 16.33 -7.83
CA LEU A 12 6.70 17.51 -7.40
C LEU A 12 7.89 17.09 -6.56
N SER A 13 9.09 17.53 -6.93
CA SER A 13 10.22 17.45 -6.03
C SER A 13 10.28 18.74 -5.24
N CYS A 14 9.94 18.67 -3.96
CA CYS A 14 9.88 19.88 -3.15
C CYS A 14 11.29 20.40 -2.89
N GLY A 15 11.49 21.70 -3.08
CA GLY A 15 12.80 22.31 -2.91
C GLY A 15 13.72 22.22 -4.10
N ALA A 16 13.32 21.55 -5.17
CA ALA A 16 14.15 21.41 -6.35
C ALA A 16 14.16 22.72 -7.15
N SER A 17 15.26 22.94 -7.87
CA SER A 17 15.43 24.12 -8.69
C SER A 17 15.21 23.86 -10.18
N GLU A 18 15.12 22.61 -10.60
CA GLU A 18 14.91 22.27 -11.99
C GLU A 18 14.23 20.92 -12.07
N PRO A 19 13.56 20.62 -13.19
CA PRO A 19 13.00 19.27 -13.37
C PRO A 19 14.13 18.25 -13.45
N ALA A 20 13.79 17.00 -13.12
CA ALA A 20 14.77 15.92 -13.14
C ALA A 20 14.05 14.60 -13.28
N VAL A 21 14.78 13.57 -13.69
CA VAL A 21 14.24 12.23 -13.85
C VAL A 21 14.90 11.33 -12.81
N ASP A 22 14.11 10.44 -12.19
CA ASP A 22 14.69 9.56 -11.18
C ASP A 22 15.24 8.30 -11.85
N GLN A 23 15.52 7.27 -11.06
CA GLN A 23 16.15 6.05 -11.56
C GLN A 23 15.16 5.12 -12.24
N ASP A 24 13.87 5.39 -12.15
CA ASP A 24 12.83 4.55 -12.72
C ASP A 24 12.06 5.28 -13.82
N LYS A 25 12.70 6.27 -14.45
CA LYS A 25 12.19 7.00 -15.62
C LYS A 25 11.02 7.92 -15.29
N LYS A 26 10.81 8.24 -14.02
CA LYS A 26 9.75 9.17 -13.65
C LYS A 26 10.28 10.59 -13.66
N LYS A 27 9.56 11.48 -14.35
CA LYS A 27 9.88 12.89 -14.40
C LYS A 27 9.29 13.64 -13.21
N TRP A 28 10.11 14.45 -12.55
CA TRP A 28 9.69 15.28 -11.42
C TRP A 28 9.91 16.76 -11.77
N GLU A 29 8.99 17.61 -11.33
CA GLU A 29 9.12 19.05 -11.52
C GLU A 29 9.19 19.74 -10.16
N PRO A 30 9.77 20.93 -10.08
CA PRO A 30 9.83 21.63 -8.79
C PRO A 30 8.43 21.94 -8.27
N ASP A 31 8.31 22.05 -6.95
CA ASP A 31 7.02 22.27 -6.31
C ASP A 31 6.56 23.72 -6.35
N THR A 32 7.42 24.63 -6.82
CA THR A 32 7.25 26.06 -6.54
C THR A 32 5.90 26.60 -6.99
N LYS A 33 5.46 26.24 -8.21
CA LYS A 33 4.25 26.87 -8.74
C LYS A 33 2.99 26.47 -7.99
N PHE A 34 3.03 25.39 -7.22
CA PHE A 34 1.87 24.93 -6.47
C PHE A 34 1.90 25.34 -5.01
N LEU A 35 3.00 25.97 -4.55
CA LEU A 35 3.15 26.36 -3.17
C LEU A 35 2.56 27.75 -2.96
N LYS A 36 1.53 27.85 -2.12
CA LYS A 36 0.83 29.11 -1.94
C LYS A 36 1.40 29.95 -0.80
N THR A 37 2.27 29.39 0.00
CA THR A 37 2.79 30.08 1.17
C THR A 37 4.12 30.71 0.82
N PRO A 38 4.30 32.01 1.01
CA PRO A 38 5.56 32.65 0.61
C PRO A 38 6.65 32.47 1.66
N ASN A 39 7.88 32.72 1.22
CA ASN A 39 9.03 32.89 2.10
C ASN A 39 9.40 31.60 2.82
N THR A 40 9.11 30.44 2.23
CA THR A 40 9.51 29.19 2.86
C THR A 40 10.91 28.78 2.42
N VAL A 41 11.56 27.99 3.28
CA VAL A 41 12.94 27.57 3.08
C VAL A 41 12.96 26.34 2.19
N HIS A 42 13.84 26.35 1.19
CA HIS A 42 14.21 25.15 0.46
C HIS A 42 15.65 24.79 0.80
N ALA A 43 15.93 23.50 0.96
CA ALA A 43 17.26 23.14 1.39
C ALA A 43 17.66 21.77 0.86
N PRO A 44 18.92 21.59 0.49
CA PRO A 44 19.40 20.26 0.15
C PRO A 44 19.73 19.46 1.39
N ALA A 45 19.51 18.15 1.31
CA ALA A 45 20.07 17.28 2.34
C ALA A 45 21.59 17.34 2.25
N THR A 46 22.25 17.37 3.41
CA THR A 46 23.71 17.45 3.46
C THR A 46 24.37 16.10 3.64
N TYR A 47 23.58 15.02 3.59
CA TYR A 47 24.10 13.65 3.60
C TYR A 47 23.26 12.83 2.64
N GLN A 48 23.92 12.00 1.82
CA GLN A 48 23.25 11.15 0.83
C GLN A 48 23.38 9.69 1.24
N ASP A 49 22.29 9.12 1.75
CA ASP A 49 22.27 7.72 2.17
C ASP A 49 22.54 6.80 0.98
N PRO A 50 23.42 5.81 1.11
CA PRO A 50 23.68 4.91 -0.03
C PRO A 50 22.50 4.05 -0.41
N SER A 51 21.48 3.94 0.45
CA SER A 51 20.31 3.15 0.14
C SER A 51 19.27 3.89 -0.70
N LEU A 52 19.43 5.20 -0.91
CA LEU A 52 18.54 5.91 -1.84
C LEU A 52 18.67 5.31 -3.24
N LEU A 53 17.54 5.02 -3.86
CA LEU A 53 17.57 4.57 -5.25
C LEU A 53 17.80 5.73 -6.20
N SER A 54 17.44 6.94 -5.79
CA SER A 54 17.68 8.13 -6.59
C SER A 54 17.87 9.32 -5.66
N THR A 55 18.58 10.33 -6.16
CA THR A 55 18.60 11.61 -5.46
C THR A 55 17.35 12.44 -5.72
N VAL A 56 16.48 11.98 -6.61
CA VAL A 56 15.26 12.69 -6.97
C VAL A 56 14.08 11.87 -6.48
N PRO A 57 13.22 12.46 -5.63
CA PRO A 57 13.18 13.84 -5.11
C PRO A 57 13.88 14.04 -3.76
N TYR A 58 14.62 13.03 -3.27
CA TYR A 58 14.95 12.95 -1.85
C TYR A 58 16.01 13.94 -1.40
N MET A 59 16.92 14.35 -2.28
CA MET A 59 18.03 15.18 -1.82
C MET A 59 17.69 16.66 -1.75
N THR A 60 16.45 17.04 -2.03
CA THR A 60 15.98 18.41 -1.86
C THR A 60 14.72 18.40 -1.02
N SER A 61 14.55 19.42 -0.18
CA SER A 61 13.38 19.48 0.69
C SER A 61 12.88 20.91 0.82
N ARG A 62 11.63 21.02 1.25
CA ARG A 62 11.11 22.23 1.86
C ARG A 62 11.19 22.10 3.37
N ILE A 63 11.41 23.22 4.05
CA ILE A 63 11.40 23.29 5.50
C ILE A 63 10.36 24.34 5.92
N PHE A 64 9.44 23.93 6.79
CA PHE A 64 8.36 24.80 7.28
C PHE A 64 8.47 24.92 8.79
N THR A 65 8.58 26.16 9.28
CA THR A 65 8.51 26.41 10.72
C THR A 65 7.18 27.04 11.12
N ALA A 66 6.31 27.33 10.15
CA ALA A 66 4.95 27.78 10.34
C ALA A 66 4.12 27.00 9.33
N PRO A 67 2.79 27.01 9.40
CA PRO A 67 2.01 26.24 8.42
C PRO A 67 2.30 26.69 7.01
N ALA A 68 2.16 25.75 6.07
CA ALA A 68 2.33 26.04 4.66
C ALA A 68 1.34 25.20 3.87
N THR A 69 0.82 25.76 2.78
CA THR A 69 -0.23 25.14 2.00
C THR A 69 0.17 25.02 0.53
N TYR A 70 -0.02 23.83 -0.03
CA TYR A 70 0.00 23.59 -1.47
C TYR A 70 -1.43 23.55 -2.00
N GLU A 71 -1.62 24.06 -3.21
CA GLU A 71 -2.90 23.95 -3.92
C GLU A 71 -2.63 23.33 -5.28
N ILE A 72 -3.16 22.14 -5.49
CA ILE A 72 -2.87 21.37 -6.69
C ILE A 72 -4.17 21.14 -7.45
N PRO A 73 -4.26 21.55 -8.70
CA PRO A 73 -5.52 21.37 -9.44
C PRO A 73 -5.81 19.90 -9.66
N VAL A 74 -7.08 19.53 -9.44
CA VAL A 74 -7.55 18.17 -9.63
C VAL A 74 -8.93 18.22 -10.27
N LYS A 75 -9.30 17.12 -10.92
CA LYS A 75 -10.68 16.91 -11.32
C LYS A 75 -11.46 16.35 -10.13
N GLY A 76 -12.45 17.09 -9.67
CA GLY A 76 -13.14 16.75 -8.44
C GLY A 76 -14.03 15.53 -8.51
N ASP A 77 -14.31 14.99 -9.70
CA ASP A 77 -15.09 13.77 -9.80
C ASP A 77 -14.21 12.53 -9.92
N LYS A 78 -12.91 12.68 -9.78
CA LYS A 78 -11.96 11.58 -9.95
C LYS A 78 -11.31 11.24 -8.62
N ARG A 79 -11.04 9.96 -8.41
CA ARG A 79 -10.16 9.51 -7.35
C ARG A 79 -8.71 9.79 -7.70
N HIS A 80 -7.87 10.04 -6.67
CA HIS A 80 -6.45 10.31 -6.88
C HIS A 80 -5.61 9.62 -5.83
N MET A 81 -4.48 9.04 -6.23
CA MET A 81 -3.47 8.66 -5.25
C MET A 81 -2.62 9.88 -4.91
N LEU A 82 -2.28 10.00 -3.64
CA LEU A 82 -1.40 11.06 -3.15
C LEU A 82 -0.20 10.37 -2.52
N ARG A 83 1.00 10.77 -2.90
CA ARG A 83 2.22 10.19 -2.33
C ARG A 83 3.05 11.29 -1.71
N LEU A 84 3.42 11.09 -0.43
CA LEU A 84 4.28 12.02 0.28
C LEU A 84 5.62 11.34 0.49
N HIS A 85 6.69 12.02 0.11
CA HIS A 85 8.03 11.46 0.15
C HIS A 85 8.88 12.15 1.22
N PHE A 86 9.50 11.37 2.11
CA PHE A 86 10.23 11.91 3.25
C PHE A 86 11.61 11.25 3.36
N TYR A 87 12.65 12.07 3.40
CA TYR A 87 14.01 11.57 3.61
C TYR A 87 14.54 12.27 4.84
N PRO A 88 14.46 11.64 6.01
CA PRO A 88 14.94 12.29 7.24
C PRO A 88 16.45 12.41 7.19
N SER A 89 16.93 13.65 7.17
CA SER A 89 18.36 13.94 7.01
C SER A 89 18.61 15.30 7.66
N THR A 90 19.83 15.80 7.53
CA THR A 90 20.16 17.10 8.08
C THR A 90 19.92 18.17 7.02
N TYR A 91 19.07 19.14 7.37
CA TYR A 91 18.68 20.24 6.49
C TYR A 91 18.95 21.56 7.18
N THR A 92 19.69 22.43 6.51
CA THR A 92 20.04 23.78 7.00
C THR A 92 20.37 23.75 8.50
N GLY A 93 21.21 22.77 8.87
CA GLY A 93 21.72 22.67 10.23
C GLY A 93 20.74 22.20 11.27
N LEU A 94 19.54 21.77 10.88
CA LEU A 94 18.50 21.40 11.83
C LEU A 94 18.67 19.97 12.31
N ASN A 95 18.11 19.71 13.49
CA ASN A 95 18.13 18.40 14.11
C ASN A 95 16.88 17.64 13.67
N ILE A 96 17.06 16.58 12.87
CA ILE A 96 15.90 15.90 12.29
C ILE A 96 15.01 15.31 13.37
N LEU A 97 15.57 14.95 14.53
CA LEU A 97 14.73 14.41 15.60
C LEU A 97 13.77 15.44 16.17
N ASP A 98 13.97 16.73 15.90
CA ASP A 98 13.03 17.74 16.36
C ASP A 98 11.80 17.85 15.48
N SER A 99 11.77 17.16 14.34
CA SER A 99 10.68 17.36 13.39
C SER A 99 9.46 16.55 13.79
N TYR A 100 8.37 17.26 14.11
CA TYR A 100 7.06 16.71 14.39
C TYR A 100 6.06 17.60 13.68
N PHE A 101 5.13 17.01 12.92
CA PHE A 101 4.19 17.83 12.16
C PHE A 101 2.99 17.01 11.72
N SER A 102 1.96 17.73 11.29
CA SER A 102 0.77 17.14 10.71
C SER A 102 0.69 17.50 9.23
N VAL A 103 0.00 16.66 8.46
CA VAL A 103 -0.29 16.92 7.07
C VAL A 103 -1.76 16.63 6.85
N ALA A 104 -2.47 17.55 6.20
CA ALA A 104 -3.86 17.37 5.85
C ALA A 104 -4.04 17.46 4.34
N ALA A 105 -4.96 16.65 3.82
CA ALA A 105 -5.46 16.78 2.45
C ALA A 105 -6.88 17.29 2.57
N ASN A 106 -7.08 18.57 2.20
CA ASN A 106 -8.35 19.23 2.46
C ASN A 106 -8.69 19.06 3.93
N ASP A 107 -9.84 18.46 4.23
CA ASP A 107 -10.27 18.29 5.61
C ASP A 107 -9.84 16.96 6.21
N LEU A 108 -9.03 16.17 5.50
CA LEU A 108 -8.63 14.84 5.95
C LEU A 108 -7.23 14.89 6.56
N THR A 109 -7.11 14.51 7.84
CA THR A 109 -5.80 14.43 8.48
C THR A 109 -5.10 13.15 8.05
N LEU A 110 -3.94 13.29 7.41
CA LEU A 110 -3.13 12.17 6.97
C LEU A 110 -2.09 11.77 8.00
N LEU A 111 -1.36 12.74 8.52
CA LEU A 111 -0.27 12.55 9.46
C LEU A 111 -0.44 13.53 10.59
N SER A 112 -0.08 13.11 11.79
CA SER A 112 -0.20 13.98 12.95
C SER A 112 0.88 13.57 13.96
N ASN A 113 1.55 14.56 14.53
CA ASN A 113 2.68 14.32 15.43
C ASN A 113 3.68 13.35 14.78
N PHE A 114 3.90 13.54 13.48
CA PHE A 114 4.64 12.57 12.68
C PHE A 114 6.14 12.81 12.79
N SER A 115 6.88 11.77 13.15
CA SER A 115 8.34 11.79 13.18
C SER A 115 8.84 10.86 12.08
N ALA A 116 9.29 11.46 10.98
CA ALA A 116 9.89 10.65 9.92
C ALA A 116 11.14 9.93 10.43
N ALA A 117 11.91 10.58 11.30
CA ALA A 117 13.18 10.00 11.75
C ALA A 117 12.95 8.76 12.61
N ILE A 118 12.05 8.85 13.59
CA ILE A 118 11.75 7.70 14.45
C ILE A 118 11.08 6.58 13.65
N THR A 119 10.21 6.94 12.71
CA THR A 119 9.58 5.93 11.89
C THR A 119 10.63 5.20 11.06
N CYS A 120 11.54 5.94 10.44
CA CYS A 120 12.62 5.31 9.68
C CYS A 120 13.48 4.41 10.57
N GLN A 121 13.79 4.87 11.78
CA GLN A 121 14.60 4.06 12.69
C GLN A 121 13.90 2.74 13.02
N ALA A 122 12.60 2.82 13.34
CA ALA A 122 11.87 1.61 13.70
C ALA A 122 11.81 0.61 12.55
N LEU A 123 11.66 1.11 11.32
CA LEU A 123 11.55 0.26 10.13
C LEU A 123 12.89 -0.04 9.46
N THR A 124 14.00 0.46 10.01
CA THR A 124 15.33 0.35 9.40
C THR A 124 15.30 0.77 7.93
N GLN A 125 14.77 1.97 7.68
CA GLN A 125 14.70 2.54 6.35
C GLN A 125 15.41 3.89 6.30
N ALA A 126 15.90 4.25 5.11
CA ALA A 126 16.51 5.55 4.90
C ALA A 126 15.50 6.60 4.51
N TYR A 127 14.39 6.20 3.89
CA TYR A 127 13.38 7.14 3.44
C TYR A 127 12.01 6.45 3.51
N LEU A 128 10.97 7.26 3.38
CA LEU A 128 9.59 6.81 3.55
C LEU A 128 8.74 7.36 2.43
N VAL A 129 7.81 6.55 1.96
CA VAL A 129 6.74 7.00 1.09
C VAL A 129 5.43 6.69 1.79
N ARG A 130 4.58 7.69 1.93
CA ARG A 130 3.26 7.49 2.49
C ARG A 130 2.26 7.74 1.38
N GLU A 131 1.48 6.71 1.06
CA GLU A 131 0.58 6.74 -0.09
C GLU A 131 -0.87 6.65 0.36
N TYR A 132 -1.71 7.50 -0.22
CA TYR A 132 -3.12 7.58 0.13
C TYR A 132 -3.94 7.53 -1.15
N SER A 133 -5.18 7.04 -1.06
CA SER A 133 -6.11 7.11 -2.18
C SER A 133 -7.27 8.00 -1.72
N LEU A 134 -7.42 9.14 -2.36
CA LEU A 134 -8.39 10.16 -1.94
C LEU A 134 -9.63 10.06 -2.80
N ALA A 135 -10.79 9.96 -2.15
CA ALA A 135 -12.05 9.83 -2.86
C ALA A 135 -12.37 11.13 -3.62
N PRO A 136 -13.23 11.07 -4.63
CA PRO A 136 -13.64 12.30 -5.32
C PRO A 136 -14.10 13.34 -4.31
N SER A 137 -13.65 14.58 -4.51
CA SER A 137 -13.81 15.63 -3.53
C SER A 137 -14.87 16.65 -3.90
N GLU A 138 -15.28 16.68 -5.16
CA GLU A 138 -16.17 17.71 -5.68
C GLU A 138 -15.52 19.10 -5.64
N LYS A 139 -14.19 19.14 -5.54
CA LYS A 139 -13.43 20.38 -5.53
C LYS A 139 -12.48 20.36 -6.71
N ASP A 140 -12.15 21.53 -7.22
CA ASP A 140 -11.20 21.64 -8.32
C ASP A 140 -9.76 21.81 -7.83
N VAL A 141 -9.56 21.85 -6.52
CA VAL A 141 -8.24 22.08 -5.94
C VAL A 141 -8.06 21.11 -4.78
N LEU A 142 -6.90 20.46 -4.72
CA LEU A 142 -6.50 19.69 -3.55
C LEU A 142 -5.55 20.54 -2.73
N SER A 143 -5.96 20.88 -1.50
CA SER A 143 -5.12 21.62 -0.57
C SER A 143 -4.35 20.63 0.30
N ILE A 144 -3.02 20.73 0.29
CA ILE A 144 -2.16 19.93 1.15
C ILE A 144 -1.50 20.86 2.14
N ILE A 145 -1.79 20.68 3.42
CA ILE A 145 -1.42 21.63 4.47
C ILE A 145 -0.44 20.95 5.43
N PHE A 146 0.73 21.56 5.61
CA PHE A 146 1.76 21.09 6.53
C PHE A 146 1.76 21.98 7.77
N THR A 147 1.58 21.38 8.94
CA THR A 147 1.52 22.15 10.19
C THR A 147 2.52 21.63 11.21
N PRO A 148 3.59 22.39 11.51
CA PRO A 148 4.51 21.96 12.56
C PRO A 148 3.76 21.81 13.88
N SER A 149 4.20 20.84 14.67
CA SER A 149 3.57 20.56 15.96
C SER A 149 3.70 21.76 16.89
N ASP A 150 2.57 22.23 17.42
CA ASP A 150 2.60 23.30 18.40
C ASP A 150 2.76 22.77 19.82
N LYS A 151 3.06 21.48 19.98
CA LYS A 151 3.41 20.90 21.27
C LYS A 151 4.91 20.69 21.43
N HIS A 152 5.69 20.95 20.38
CA HIS A 152 7.14 20.83 20.40
C HIS A 152 7.73 22.19 20.06
N PRO A 153 8.34 22.91 21.02
CA PRO A 153 8.84 24.25 20.70
C PRO A 153 9.86 24.31 19.57
N LYS A 154 10.57 23.22 19.28
CA LYS A 154 11.59 23.23 18.23
C LYS A 154 11.12 22.53 16.95
N ALA A 155 9.82 22.30 16.81
CA ALA A 155 9.34 21.49 15.70
C ALA A 155 9.47 22.21 14.38
N PHE A 156 9.77 21.46 13.33
CA PHE A 156 9.58 21.93 11.97
C PHE A 156 8.96 20.79 11.17
N ALA A 157 8.34 21.15 10.06
CA ALA A 157 7.87 20.18 9.08
C ALA A 157 8.85 20.15 7.90
N PHE A 158 8.91 19.01 7.22
CA PHE A 158 9.67 18.96 5.98
C PHE A 158 8.96 18.04 5.00
N ILE A 159 9.31 18.19 3.72
CA ILE A 159 8.71 17.36 2.67
C ILE A 159 9.68 17.33 1.50
N ASN A 160 9.93 16.16 0.94
CA ASN A 160 10.84 16.05 -0.20
C ASN A 160 10.13 15.89 -1.54
N GLY A 161 8.97 15.25 -1.54
CA GLY A 161 8.24 15.04 -2.78
C GLY A 161 6.76 14.85 -2.51
N ILE A 162 5.95 15.31 -3.46
CA ILE A 162 4.50 15.20 -3.41
C ILE A 162 4.02 14.79 -4.78
N GLU A 163 3.27 13.69 -4.87
CA GLU A 163 2.71 13.26 -6.14
C GLU A 163 1.19 13.18 -6.03
N VAL A 164 0.52 13.61 -7.09
CA VAL A 164 -0.93 13.51 -7.21
C VAL A 164 -1.21 12.76 -8.50
N ILE A 165 -1.86 11.61 -8.40
CA ILE A 165 -1.96 10.68 -9.52
C ILE A 165 -3.42 10.30 -9.75
N PRO A 166 -4.05 10.75 -10.83
CA PRO A 166 -5.44 10.36 -11.06
C PRO A 166 -5.54 8.84 -11.22
N MET A 167 -6.55 8.25 -10.61
CA MET A 167 -6.65 6.79 -10.67
C MET A 167 -8.11 6.37 -10.88
N PRO A 168 -8.32 5.13 -11.32
CA PRO A 168 -9.69 4.63 -11.45
C PRO A 168 -10.32 4.37 -10.09
N GLU A 169 -11.63 4.11 -10.11
CA GLU A 169 -12.35 3.75 -8.89
C GLU A 169 -12.15 2.26 -8.65
N LEU A 170 -11.03 1.93 -8.04
CA LEU A 170 -10.64 0.53 -7.92
C LEU A 170 -11.22 -0.16 -6.69
N PHE A 171 -12.04 0.54 -5.90
CA PHE A 171 -12.61 -0.01 -4.67
C PHE A 171 -14.13 -0.07 -4.80
N ASP A 172 -14.71 -1.17 -4.36
CA ASP A 172 -16.14 -1.37 -4.52
C ASP A 172 -16.79 -1.81 -3.22
N THR A 173 -16.50 -3.03 -2.81
CA THR A 173 -17.20 -3.73 -1.75
C THR A 173 -16.20 -4.59 -0.99
N ALA A 174 -16.40 -4.74 0.32
CA ALA A 174 -15.57 -5.65 1.12
C ALA A 174 -16.45 -6.57 1.94
N SER A 175 -15.97 -7.81 2.12
CA SER A 175 -16.64 -8.79 2.98
C SER A 175 -16.22 -8.56 4.42
N LEU A 176 -17.19 -8.45 5.33
CA LEU A 176 -16.87 -8.19 6.73
C LEU A 176 -16.44 -9.49 7.41
N VAL A 177 -15.22 -9.51 7.93
CA VAL A 177 -14.61 -10.78 8.36
C VAL A 177 -15.40 -11.42 9.50
N GLY A 178 -15.83 -10.63 10.48
CA GLY A 178 -16.51 -11.29 11.59
C GLY A 178 -17.89 -11.86 11.28
N PHE A 179 -18.40 -11.65 10.06
CA PHE A 179 -19.81 -11.86 9.79
C PHE A 179 -20.00 -12.87 8.67
N SER A 180 -21.13 -13.58 8.73
CA SER A 180 -21.34 -14.71 7.82
C SER A 180 -21.47 -14.23 6.38
N ASP A 181 -22.37 -13.27 6.12
CA ASP A 181 -22.72 -12.95 4.74
C ASP A 181 -22.91 -11.45 4.55
N GLN A 182 -22.09 -10.63 5.20
CA GLN A 182 -22.28 -9.18 5.20
C GLN A 182 -21.17 -8.49 4.43
N THR A 183 -21.53 -7.42 3.72
CA THR A 183 -20.57 -6.64 2.96
C THR A 183 -20.71 -5.16 3.31
N SER A 184 -19.67 -4.41 2.99
CA SER A 184 -19.69 -2.96 3.15
C SER A 184 -19.22 -2.31 1.86
N ASP A 185 -19.60 -1.04 1.70
CA ASP A 185 -19.24 -0.27 0.51
C ASP A 185 -17.98 0.53 0.79
N THR A 186 -17.01 0.45 -0.12
CA THR A 186 -15.75 1.17 0.04
C THR A 186 -15.50 2.15 -1.10
N LYS A 187 -16.45 2.32 -2.02
CA LYS A 187 -16.21 3.09 -3.24
C LYS A 187 -15.85 4.55 -2.93
N THR A 188 -16.35 5.10 -1.84
CA THR A 188 -16.09 6.49 -1.49
C THR A 188 -15.15 6.63 -0.29
N ALA A 189 -14.38 5.59 0.04
CA ALA A 189 -13.46 5.65 1.17
C ALA A 189 -12.21 6.45 0.83
N ASN A 190 -11.62 7.08 1.84
CA ASN A 190 -10.24 7.57 1.78
C ASN A 190 -9.33 6.55 2.44
N LEU A 191 -8.24 6.18 1.75
CA LEU A 191 -7.43 5.05 2.16
C LEU A 191 -5.98 5.46 2.34
N GLN A 192 -5.30 4.75 3.24
CA GLN A 192 -3.85 4.75 3.32
C GLN A 192 -3.35 3.38 2.91
N THR A 193 -2.39 3.34 2.00
CA THR A 193 -1.78 2.06 1.65
C THR A 193 -0.83 1.64 2.76
N MET A 194 -1.08 0.47 3.33
CA MET A 194 -0.21 -0.03 4.39
C MET A 194 0.87 -0.95 3.82
N PHE A 195 0.47 -1.89 2.97
CA PHE A 195 1.38 -2.86 2.36
C PHE A 195 0.88 -3.20 0.96
N ARG A 196 1.83 -3.47 0.07
CA ARG A 196 1.49 -3.85 -1.31
C ARG A 196 2.51 -4.88 -1.76
N LEU A 197 2.08 -6.15 -1.85
CA LEU A 197 2.99 -7.27 -2.05
C LEU A 197 2.69 -8.00 -3.34
N ASN A 198 3.74 -8.32 -4.10
CA ASN A 198 3.67 -9.34 -5.15
C ASN A 198 4.02 -10.66 -4.47
N VAL A 199 3.01 -11.44 -4.12
CA VAL A 199 3.24 -12.64 -3.34
C VAL A 199 3.90 -13.70 -4.22
N GLY A 200 5.00 -14.24 -3.73
CA GLY A 200 5.73 -15.27 -4.45
C GLY A 200 6.54 -14.78 -5.64
N GLY A 201 6.65 -13.46 -5.85
CA GLY A 201 7.27 -12.94 -7.04
C GLY A 201 8.24 -11.81 -6.74
N GLN A 202 8.86 -11.31 -7.81
CA GLN A 202 9.87 -10.27 -7.70
C GLN A 202 9.23 -8.92 -7.35
N ASP A 203 10.05 -8.02 -6.80
CA ASP A 203 9.63 -6.62 -6.70
C ASP A 203 9.26 -6.13 -8.09
N ILE A 204 8.20 -5.33 -8.16
CA ILE A 204 7.78 -4.69 -9.40
C ILE A 204 7.93 -3.18 -9.22
N PRO A 205 8.83 -2.54 -9.95
CA PRO A 205 8.98 -1.09 -9.82
C PRO A 205 7.81 -0.37 -10.45
N GLY A 206 7.63 0.89 -10.07
CA GLY A 206 6.52 1.67 -10.61
C GLY A 206 6.45 1.69 -12.13
N SER A 207 7.61 1.73 -12.80
CA SER A 207 7.60 1.77 -14.26
C SER A 207 6.97 0.52 -14.88
N GLN A 208 6.90 -0.59 -14.14
CA GLN A 208 6.29 -1.82 -14.64
C GLN A 208 4.89 -2.06 -14.09
N ASP A 209 4.35 -1.10 -13.34
CA ASP A 209 2.99 -1.20 -12.83
C ASP A 209 2.00 -1.02 -13.97
N SER A 210 0.80 -1.56 -13.77
CA SER A 210 -0.33 -1.39 -14.67
C SER A 210 -1.02 -0.05 -14.43
N GLY A 211 -1.86 0.35 -15.39
CA GLY A 211 -2.66 1.54 -15.21
C GLY A 211 -1.91 2.85 -15.21
N GLY A 212 -0.62 2.84 -15.54
CA GLY A 212 0.19 4.03 -15.40
C GLY A 212 0.20 4.58 -13.99
N LEU A 213 -0.05 3.72 -12.98
CA LEU A 213 -0.19 4.17 -11.60
C LEU A 213 1.12 4.21 -10.82
N THR A 214 2.24 3.75 -11.42
CA THR A 214 3.57 3.65 -10.81
C THR A 214 3.57 3.21 -9.34
N ARG A 215 2.70 2.27 -8.97
CA ARG A 215 2.81 1.59 -7.69
C ARG A 215 3.99 0.62 -7.69
N THR A 216 4.67 0.52 -6.55
CA THR A 216 5.69 -0.51 -6.35
C THR A 216 5.08 -1.69 -5.60
N TRP A 217 5.31 -2.89 -6.13
CA TRP A 217 4.84 -4.13 -5.52
C TRP A 217 6.04 -4.87 -4.95
N TYR A 218 5.99 -5.24 -3.68
CA TYR A 218 7.16 -5.81 -3.02
C TYR A 218 7.02 -7.31 -2.80
N ASN A 219 8.13 -8.04 -2.91
CA ASN A 219 8.09 -9.45 -2.56
C ASN A 219 7.60 -9.61 -1.13
N ASP A 220 6.93 -10.73 -0.85
CA ASP A 220 6.24 -10.91 0.42
C ASP A 220 7.07 -11.63 1.49
N ALA A 221 8.22 -12.21 1.13
CA ALA A 221 8.95 -13.05 2.07
C ALA A 221 9.23 -12.41 3.42
N PRO A 222 9.60 -11.12 3.53
CA PRO A 222 9.85 -10.55 4.86
C PRO A 222 8.66 -10.61 5.81
N TYR A 223 7.44 -10.80 5.31
CA TYR A 223 6.24 -10.80 6.14
C TYR A 223 5.76 -12.20 6.49
N ILE A 224 6.41 -13.25 6.01
CA ILE A 224 6.01 -14.61 6.36
C ILE A 224 6.46 -14.89 7.78
N PHE A 225 5.55 -15.38 8.60
CA PHE A 225 5.91 -15.68 9.98
C PHE A 225 5.66 -17.12 10.37
N SER A 226 5.05 -17.93 9.52
CA SER A 226 5.04 -19.36 9.71
C SER A 226 6.45 -19.92 9.53
N ALA A 227 6.68 -21.11 10.11
CA ALA A 227 8.01 -21.70 10.01
C ALA A 227 8.35 -22.07 8.57
N GLY A 228 7.40 -22.62 7.84
CA GLY A 228 7.60 -22.93 6.44
C GLY A 228 7.23 -21.76 5.55
N LEU A 229 8.00 -21.58 4.49
CA LEU A 229 7.79 -20.53 3.50
C LEU A 229 6.96 -20.99 2.31
N GLY A 230 6.47 -22.23 2.34
CA GLY A 230 5.73 -22.70 1.21
C GLY A 230 6.65 -22.84 -0.01
N VAL A 231 6.01 -22.89 -1.17
CA VAL A 231 6.74 -23.01 -2.44
C VAL A 231 6.19 -21.97 -3.40
N THR A 232 7.06 -21.25 -4.05
CA THR A 232 6.63 -20.28 -5.03
C THR A 232 6.38 -20.93 -6.39
N LEU A 233 5.36 -20.42 -7.05
CA LEU A 233 4.89 -20.85 -8.34
C LEU A 233 5.05 -19.68 -9.32
N GLN A 234 5.53 -19.99 -10.51
CA GLN A 234 5.75 -18.99 -11.48
C GLN A 234 5.31 -19.47 -12.83
N ALA A 235 4.53 -18.67 -13.54
CA ALA A 235 4.15 -19.04 -14.88
C ALA A 235 5.20 -18.48 -15.84
N SER A 236 5.18 -18.97 -17.05
CA SER A 236 6.08 -18.44 -18.06
C SER A 236 5.78 -16.96 -18.31
N ASN A 237 6.82 -16.21 -18.66
CA ASN A 237 6.63 -14.82 -18.98
C ASN A 237 5.71 -14.64 -20.19
N ASN A 238 5.50 -15.66 -21.01
CA ASN A 238 4.59 -15.60 -22.14
C ASN A 238 3.18 -16.09 -21.81
N PHE A 239 2.94 -16.56 -20.59
CA PHE A 239 1.60 -16.98 -20.19
C PHE A 239 0.68 -15.76 -20.14
N ARG A 240 -0.51 -15.89 -20.74
CA ARG A 240 -1.43 -14.76 -20.90
C ARG A 240 -2.41 -14.68 -19.74
N ILE A 241 -2.41 -13.54 -19.05
CA ILE A 241 -3.47 -13.27 -18.06
C ILE A 241 -4.66 -12.66 -18.79
N ASP A 242 -5.82 -13.30 -18.69
CA ASP A 242 -7.04 -12.86 -19.37
C ASP A 242 -7.93 -12.13 -18.36
N TYR A 243 -7.78 -10.80 -18.31
CA TYR A 243 -8.43 -9.99 -17.29
C TYR A 243 -9.95 -9.99 -17.41
N GLN A 244 -10.48 -10.19 -18.62
CA GLN A 244 -11.92 -10.09 -18.86
C GLN A 244 -12.45 -8.76 -18.32
N LYS A 245 -13.42 -8.78 -17.40
CA LYS A 245 -13.97 -7.52 -16.93
C LYS A 245 -13.13 -6.82 -15.86
N MET A 246 -12.13 -7.49 -15.31
CA MET A 246 -11.37 -6.81 -14.26
C MET A 246 -10.47 -5.75 -14.88
N PRO A 247 -10.50 -4.51 -14.39
CA PRO A 247 -9.58 -3.49 -14.94
C PRO A 247 -8.13 -3.94 -14.80
N VAL A 248 -7.37 -3.77 -15.91
CA VAL A 248 -5.95 -4.09 -15.87
C VAL A 248 -5.21 -3.23 -14.85
N SER A 249 -5.71 -2.03 -14.58
CA SER A 249 -5.14 -1.16 -13.56
C SER A 249 -5.25 -1.74 -12.15
N THR A 250 -6.02 -2.81 -11.96
CA THR A 250 -6.12 -3.43 -10.64
C THR A 250 -4.76 -3.89 -10.16
N ALA A 251 -4.02 -4.56 -11.01
CA ALA A 251 -2.69 -5.06 -10.68
C ALA A 251 -2.03 -5.53 -11.97
N PRO A 252 -0.72 -5.38 -12.12
CA PRO A 252 -0.04 -5.82 -13.34
C PRO A 252 0.01 -7.34 -13.46
N ALA A 253 0.19 -7.81 -14.70
CA ALA A 253 0.10 -9.24 -14.96
C ALA A 253 1.14 -10.04 -14.16
N ASP A 254 2.32 -9.47 -13.92
CA ASP A 254 3.35 -10.23 -13.20
C ASP A 254 2.94 -10.54 -11.77
N VAL A 255 2.01 -9.79 -11.19
CA VAL A 255 1.47 -10.19 -9.89
C VAL A 255 0.71 -11.50 -10.02
N TYR A 256 -0.15 -11.60 -11.05
CA TYR A 256 -0.95 -12.80 -11.20
C TYR A 256 -0.16 -13.97 -11.74
N LYS A 257 0.98 -13.72 -12.39
CA LYS A 257 1.80 -14.80 -12.94
C LYS A 257 2.73 -15.43 -11.91
N THR A 258 2.68 -14.99 -10.65
CA THR A 258 3.48 -15.59 -9.59
C THR A 258 2.63 -15.77 -8.35
N ALA A 259 2.96 -16.77 -7.56
CA ALA A 259 2.17 -17.03 -6.37
C ALA A 259 3.01 -17.75 -5.33
N ARG A 260 2.53 -17.70 -4.09
CA ARG A 260 3.05 -18.55 -3.03
C ARG A 260 2.00 -19.59 -2.68
N SER A 261 2.39 -20.85 -2.69
CA SER A 261 1.51 -21.94 -2.32
C SER A 261 2.11 -22.67 -1.14
N GLN A 262 1.36 -23.63 -0.60
CA GLN A 262 1.94 -24.44 0.48
C GLN A 262 2.82 -25.55 -0.07
N GLY A 263 2.40 -26.21 -1.15
CA GLY A 263 3.26 -27.17 -1.79
C GLY A 263 2.62 -28.49 -2.20
N PRO A 264 3.47 -29.44 -2.59
CA PRO A 264 2.96 -30.70 -3.14
C PRO A 264 2.57 -31.75 -2.11
N ASN A 265 2.97 -31.63 -0.85
CA ASN A 265 2.58 -32.63 0.15
C ASN A 265 1.36 -32.12 0.90
N GLY A 266 0.19 -32.63 0.51
CA GLY A 266 -1.04 -32.23 1.15
C GLY A 266 -1.07 -32.49 2.64
N ASP A 267 -0.41 -33.55 3.10
CA ASP A 267 -0.44 -33.86 4.53
C ASP A 267 0.29 -32.80 5.35
N ILE A 268 1.49 -32.41 4.93
CA ILE A 268 2.21 -31.36 5.64
C ILE A 268 1.45 -30.04 5.54
N ASN A 269 0.80 -29.79 4.39
CA ASN A 269 0.02 -28.58 4.22
C ASN A 269 -1.13 -28.49 5.22
N MET A 270 -1.81 -29.61 5.47
CA MET A 270 -2.91 -29.62 6.42
C MET A 270 -2.45 -29.49 7.86
N LYS A 271 -1.17 -29.73 8.13
CA LYS A 271 -0.62 -29.57 9.47
C LYS A 271 -0.12 -28.16 9.75
N SER A 272 -0.31 -27.23 8.81
CA SER A 272 0.28 -25.91 8.96
C SER A 272 -0.66 -24.86 8.36
N ASN A 273 -0.58 -23.65 8.90
CA ASN A 273 -1.09 -22.45 8.24
C ASN A 273 0.09 -21.72 7.61
N LEU A 274 -0.01 -21.42 6.32
CA LEU A 274 0.86 -20.42 5.72
C LEU A 274 0.45 -19.06 6.28
N THR A 275 1.39 -18.35 6.93
CA THR A 275 1.04 -17.20 7.76
C THR A 275 1.89 -15.98 7.43
N TRP A 276 1.23 -14.87 7.16
CA TRP A 276 1.88 -13.56 7.09
C TRP A 276 1.42 -12.70 8.26
N MET A 277 2.28 -11.79 8.70
CA MET A 277 1.96 -10.92 9.83
C MET A 277 2.37 -9.50 9.50
N PHE A 278 1.52 -8.52 9.86
CA PHE A 278 1.73 -7.12 9.53
C PHE A 278 1.48 -6.24 10.74
N GLN A 279 2.39 -5.29 10.96
CA GLN A 279 2.19 -4.27 11.97
C GLN A 279 1.37 -3.13 11.39
N VAL A 280 0.29 -2.75 12.07
CA VAL A 280 -0.58 -1.68 11.63
C VAL A 280 -0.93 -0.82 12.84
N ASP A 281 -1.75 0.19 12.60
CA ASP A 281 -2.20 1.12 13.63
C ASP A 281 -3.54 0.67 14.19
N THR A 282 -3.67 0.72 15.52
CA THR A 282 -4.91 0.27 16.15
C THR A 282 -6.05 1.25 15.91
N ASN A 283 -7.28 0.73 16.06
CA ASN A 283 -8.52 1.51 16.02
C ASN A 283 -8.85 2.01 14.61
N PHE A 284 -8.56 1.17 13.61
CA PHE A 284 -8.98 1.43 12.24
C PHE A 284 -9.53 0.16 11.64
N THR A 285 -10.44 0.31 10.67
CA THR A 285 -10.84 -0.78 9.80
C THR A 285 -9.86 -0.83 8.65
N TYR A 286 -9.43 -2.03 8.31
CA TYR A 286 -8.52 -2.24 7.18
C TYR A 286 -9.19 -3.11 6.13
N ILE A 287 -8.90 -2.83 4.85
CA ILE A 287 -9.26 -3.70 3.73
C ILE A 287 -8.05 -4.57 3.41
N MET A 288 -8.26 -5.88 3.40
CA MET A 288 -7.27 -6.84 2.92
C MET A 288 -7.71 -7.27 1.52
N ARG A 289 -6.96 -6.86 0.50
CA ARG A 289 -7.25 -7.24 -0.88
C ARG A 289 -6.34 -8.40 -1.23
N LEU A 290 -6.91 -9.59 -1.37
CA LEU A 290 -6.19 -10.79 -1.73
C LEU A 290 -6.34 -11.03 -3.23
N HIS A 291 -5.21 -11.06 -3.96
CA HIS A 291 -5.21 -11.24 -5.40
C HIS A 291 -4.92 -12.71 -5.73
N PHE A 292 -5.66 -13.26 -6.70
CA PHE A 292 -5.60 -14.68 -7.03
C PHE A 292 -5.60 -14.89 -8.54
N CYS A 293 -4.85 -15.90 -8.98
CA CYS A 293 -4.92 -16.36 -10.37
C CYS A 293 -4.38 -17.77 -10.40
N GLU A 294 -5.18 -18.72 -10.86
CA GLU A 294 -4.76 -20.10 -11.01
C GLU A 294 -4.16 -20.26 -12.40
N PHE A 295 -2.84 -20.49 -12.46
CA PHE A 295 -2.16 -20.71 -13.74
C PHE A 295 -1.55 -22.10 -13.84
N GLN A 296 -1.86 -23.00 -12.92
CA GLN A 296 -1.37 -24.38 -12.99
C GLN A 296 -2.49 -25.38 -13.21
N LEU A 297 -3.51 -25.33 -12.37
CA LEU A 297 -4.63 -26.25 -12.44
C LEU A 297 -5.69 -25.73 -13.41
N ALA A 298 -6.57 -26.62 -13.82
CA ALA A 298 -7.58 -26.28 -14.80
C ALA A 298 -9.00 -26.61 -14.38
N LYS A 299 -9.20 -27.25 -13.22
CA LYS A 299 -10.51 -27.75 -12.84
C LYS A 299 -10.92 -27.23 -11.48
N ILE A 300 -12.22 -26.97 -11.34
CA ILE A 300 -12.80 -26.62 -10.06
C ILE A 300 -12.59 -27.77 -9.06
N ASN A 301 -12.51 -27.41 -7.78
CA ASN A 301 -12.42 -28.37 -6.66
C ASN A 301 -11.14 -29.18 -6.71
N GLN A 302 -10.06 -28.60 -7.25
CA GLN A 302 -8.73 -29.18 -7.11
C GLN A 302 -7.92 -28.53 -6.02
N LYS A 303 -7.99 -27.20 -5.90
CA LYS A 303 -7.28 -26.44 -4.87
C LYS A 303 -8.33 -25.64 -4.10
N VAL A 304 -8.55 -26.00 -2.84
CA VAL A 304 -9.66 -25.49 -2.04
C VAL A 304 -9.12 -25.25 -0.64
N PHE A 305 -9.20 -24.01 -0.15
CA PHE A 305 -8.52 -23.68 1.09
C PHE A 305 -9.31 -22.68 1.93
N ASN A 306 -9.00 -22.68 3.22
CA ASN A 306 -9.55 -21.75 4.19
C ASN A 306 -8.63 -20.55 4.33
N ILE A 307 -9.23 -19.38 4.58
CA ILE A 307 -8.50 -18.15 4.79
C ILE A 307 -8.93 -17.56 6.11
N PHE A 308 -7.96 -17.30 6.98
CA PHE A 308 -8.21 -16.70 8.29
C PHE A 308 -7.52 -15.34 8.38
N ILE A 309 -8.20 -14.37 8.96
CA ILE A 309 -7.66 -13.04 9.21
C ILE A 309 -7.86 -12.73 10.69
N ASN A 310 -6.76 -12.42 11.38
CA ASN A 310 -6.75 -12.21 12.83
C ASN A 310 -7.54 -13.29 13.57
N ASN A 311 -7.27 -14.55 13.19
CA ASN A 311 -7.81 -15.74 13.83
C ASN A 311 -9.31 -15.90 13.62
N ARG A 312 -9.89 -15.19 12.67
CA ARG A 312 -11.28 -15.32 12.32
C ARG A 312 -11.41 -15.85 10.89
N THR A 313 -12.45 -16.61 10.65
CA THR A 313 -12.66 -17.17 9.32
C THR A 313 -13.09 -16.08 8.36
N ALA A 314 -12.26 -15.81 7.36
CA ALA A 314 -12.62 -14.91 6.26
C ALA A 314 -13.22 -15.67 5.10
N GLN A 315 -12.70 -16.86 4.81
CA GLN A 315 -13.27 -17.69 3.75
C GLN A 315 -13.09 -19.13 4.21
N GLY A 316 -14.18 -19.79 4.59
CA GLY A 316 -14.06 -21.13 5.11
C GLY A 316 -15.40 -21.79 5.35
N ASP A 317 -15.45 -22.72 6.30
CA ASP A 317 -16.68 -23.45 6.62
C ASP A 317 -17.13 -24.13 5.33
N THR A 318 -18.38 -23.94 4.89
CA THR A 318 -18.88 -24.56 3.68
C THR A 318 -18.65 -23.73 2.43
N ASN A 319 -17.97 -22.59 2.55
CA ASN A 319 -17.62 -21.75 1.39
C ASN A 319 -16.13 -21.43 1.38
N PRO A 320 -15.27 -22.45 1.36
CA PRO A 320 -13.82 -22.19 1.26
C PRO A 320 -13.47 -21.55 -0.09
N ALA A 321 -12.24 -21.04 -0.16
CA ALA A 321 -11.77 -20.42 -1.38
C ALA A 321 -11.41 -21.47 -2.41
N ASP A 322 -11.85 -21.26 -3.66
CA ASP A 322 -11.46 -22.08 -4.80
C ASP A 322 -11.26 -21.12 -5.95
N ILE A 323 -10.00 -20.87 -6.32
CA ILE A 323 -9.73 -19.78 -7.26
C ILE A 323 -10.48 -20.01 -8.56
N LEU A 324 -10.41 -21.24 -9.07
CA LEU A 324 -11.13 -21.54 -10.31
C LEU A 324 -12.64 -21.52 -10.11
N GLY A 325 -13.13 -21.77 -8.90
CA GLY A 325 -14.55 -21.58 -8.63
C GLY A 325 -14.98 -20.13 -8.76
N TRP A 326 -14.13 -19.20 -8.33
CA TRP A 326 -14.45 -17.78 -8.45
C TRP A 326 -14.33 -17.30 -9.89
N THR A 327 -13.37 -17.87 -10.59
CA THR A 327 -12.77 -17.26 -11.76
C THR A 327 -13.27 -17.87 -13.07
N GLY A 328 -13.61 -19.15 -13.06
CA GLY A 328 -14.10 -19.84 -14.24
C GLY A 328 -13.03 -20.32 -15.19
N GLY A 329 -11.76 -20.00 -14.96
CA GLY A 329 -10.75 -20.42 -15.91
C GLY A 329 -9.31 -20.19 -15.53
N LYS A 330 -8.45 -21.12 -15.95
CA LYS A 330 -7.01 -20.94 -15.85
C LYS A 330 -6.60 -19.62 -16.49
N GLY A 331 -5.80 -18.84 -15.77
CA GLY A 331 -5.27 -17.60 -16.29
C GLY A 331 -6.16 -16.39 -16.14
N ILE A 332 -7.36 -16.56 -15.59
CA ILE A 332 -8.26 -15.44 -15.30
C ILE A 332 -7.93 -14.92 -13.90
N PRO A 333 -7.66 -13.64 -13.73
CA PRO A 333 -7.35 -13.11 -12.41
C PRO A 333 -8.60 -12.65 -11.67
N THR A 334 -8.47 -12.55 -10.35
CA THR A 334 -9.52 -11.95 -9.53
C THR A 334 -8.90 -11.48 -8.23
N TYR A 335 -9.72 -10.82 -7.42
CA TYR A 335 -9.33 -10.49 -6.05
C TYR A 335 -10.58 -10.50 -5.20
N LYS A 336 -10.38 -10.59 -3.89
CA LYS A 336 -11.47 -10.42 -2.95
C LYS A 336 -11.00 -9.50 -1.84
N ASP A 337 -11.85 -8.55 -1.49
CA ASP A 337 -11.58 -7.61 -0.40
C ASP A 337 -12.27 -8.08 0.86
N TYR A 338 -11.54 -8.09 1.96
CA TYR A 338 -12.06 -8.41 3.28
C TYR A 338 -11.79 -7.25 4.22
N ALA A 339 -12.77 -6.91 5.05
CA ALA A 339 -12.63 -5.79 5.97
C ALA A 339 -12.54 -6.31 7.39
N ILE A 340 -11.58 -5.79 8.14
CA ILE A 340 -11.39 -6.19 9.52
C ILE A 340 -11.12 -4.96 10.37
N TYR A 341 -11.82 -4.85 11.48
CA TYR A 341 -11.56 -3.77 12.42
C TYR A 341 -10.53 -4.27 13.43
N VAL A 342 -9.47 -3.48 13.61
CA VAL A 342 -8.36 -3.84 14.48
C VAL A 342 -8.40 -2.92 15.69
N ASP A 343 -8.44 -3.52 16.88
CA ASP A 343 -8.38 -2.73 18.12
C ASP A 343 -7.86 -3.54 19.29
N GLY A 349 -1.59 -7.39 19.97
CA GLY A 349 -2.18 -6.49 20.95
C GLY A 349 -2.86 -5.30 20.31
N GLY A 350 -3.71 -5.57 19.32
CA GLY A 350 -4.39 -4.53 18.58
C GLY A 350 -3.54 -3.82 17.55
N GLU A 351 -2.29 -4.22 17.36
CA GLU A 351 -1.40 -3.56 16.42
C GLU A 351 -0.91 -4.50 15.34
N GLU A 352 -1.64 -5.58 15.07
CA GLU A 352 -1.21 -6.60 14.12
C GLU A 352 -2.40 -7.10 13.32
N ILE A 353 -2.13 -7.42 12.05
CA ILE A 353 -3.02 -8.20 11.22
C ILE A 353 -2.28 -9.46 10.82
N SER A 354 -2.92 -10.61 11.01
CA SER A 354 -2.38 -11.88 10.55
C SER A 354 -3.25 -12.42 9.42
N LEU A 355 -2.61 -13.03 8.42
CA LEU A 355 -3.29 -13.69 7.33
C LEU A 355 -2.80 -15.13 7.30
N GLN A 356 -3.73 -16.08 7.33
CA GLN A 356 -3.39 -17.49 7.38
C GLN A 356 -4.19 -18.27 6.35
N MET A 357 -3.53 -19.22 5.70
CA MET A 357 -4.16 -20.14 4.75
C MET A 357 -3.78 -21.57 5.08
N THR A 358 -4.74 -22.48 4.89
CA THR A 358 -4.50 -23.90 5.04
C THR A 358 -5.55 -24.62 4.20
N PRO A 359 -5.30 -25.85 3.76
CA PRO A 359 -6.27 -26.52 2.89
C PRO A 359 -7.57 -26.78 3.64
N SER A 360 -8.65 -26.88 2.86
CA SER A 360 -9.96 -27.26 3.36
C SER A 360 -10.24 -28.70 2.99
N THR A 361 -10.90 -29.42 3.90
CA THR A 361 -11.36 -30.77 3.58
C THR A 361 -12.80 -30.79 3.10
N PHE A 362 -13.48 -29.64 3.08
CA PHE A 362 -14.86 -29.59 2.64
C PHE A 362 -14.96 -29.86 1.14
N GLY A 363 -15.87 -30.74 0.75
CA GLY A 363 -16.14 -31.02 -0.64
C GLY A 363 -15.22 -32.01 -1.30
N GLN A 364 -14.28 -32.60 -0.56
CA GLN A 364 -13.35 -33.61 -1.06
C GLN A 364 -12.53 -33.08 -2.23
N PRO A 365 -11.72 -32.03 -2.04
CA PRO A 365 -10.91 -31.52 -3.15
C PRO A 365 -9.87 -32.55 -3.57
N GLU A 366 -9.47 -32.47 -4.85
CA GLU A 366 -8.51 -33.43 -5.39
C GLU A 366 -7.15 -33.29 -4.71
N TYR A 367 -6.75 -32.07 -4.40
CA TYR A 367 -5.49 -31.79 -3.72
C TYR A 367 -5.77 -31.02 -2.44
N TYR A 368 -4.74 -30.91 -1.60
CA TYR A 368 -4.81 -30.15 -0.35
C TYR A 368 -3.70 -29.10 -0.39
N ASP A 369 -4.06 -27.88 -0.77
CA ASP A 369 -3.08 -26.84 -1.03
C ASP A 369 -3.80 -25.51 -0.88
N SER A 370 -3.02 -24.44 -0.89
CA SER A 370 -3.54 -23.07 -0.85
C SER A 370 -2.61 -22.21 -1.68
N GLN A 371 -3.08 -21.01 -2.03
CA GLN A 371 -2.28 -20.16 -2.89
C GLN A 371 -2.69 -18.70 -2.74
N LEU A 372 -1.71 -17.80 -2.86
CA LEU A 372 -1.99 -16.36 -2.90
C LEU A 372 -1.05 -15.70 -3.91
N ASN A 373 -1.56 -14.81 -4.76
CA ASN A 373 -0.74 -14.18 -5.80
C ASN A 373 -0.33 -12.75 -5.48
N GLY A 374 -1.13 -12.03 -4.68
CA GLY A 374 -0.77 -10.68 -4.31
C GLY A 374 -1.59 -10.26 -3.11
N LEU A 375 -1.14 -9.18 -2.47
CA LEU A 375 -1.81 -8.72 -1.25
C LEU A 375 -1.64 -7.22 -1.13
N GLU A 376 -2.76 -6.52 -0.90
CA GLU A 376 -2.68 -5.11 -0.55
C GLU A 376 -3.49 -4.92 0.73
N ILE A 377 -2.98 -4.07 1.62
CA ILE A 377 -3.66 -3.74 2.86
C ILE A 377 -3.86 -2.24 2.91
N PHE A 378 -5.11 -1.80 3.11
CA PHE A 378 -5.47 -0.39 3.12
C PHE A 378 -6.18 -0.05 4.42
N LYS A 379 -5.81 1.09 5.00
CA LYS A 379 -6.50 1.66 6.17
C LYS A 379 -7.65 2.53 5.69
N ILE A 380 -8.86 2.35 6.25
CA ILE A 380 -10.02 3.18 5.91
C ILE A 380 -10.09 4.36 6.87
N ASP A 381 -10.45 5.53 6.36
CA ASP A 381 -10.41 6.70 7.23
C ASP A 381 -11.56 6.63 8.23
N THR A 382 -11.27 7.03 9.46
CA THR A 382 -12.32 7.17 10.46
C THR A 382 -12.27 8.60 10.99
N MET A 383 -13.42 9.27 10.95
CA MET A 383 -13.55 10.62 11.49
C MET A 383 -12.60 11.59 10.81
N LYS A 384 -12.44 11.42 9.49
CA LYS A 384 -11.57 12.27 8.68
C LYS A 384 -10.12 12.26 9.19
N ASN A 385 -9.69 11.10 9.68
CA ASN A 385 -8.32 10.94 10.13
C ASN A 385 -7.76 9.59 9.69
N LEU A 386 -6.52 9.62 9.22
CA LEU A 386 -5.79 8.40 8.92
C LEU A 386 -4.52 8.28 9.74
N ALA A 387 -4.22 9.26 10.60
CA ALA A 387 -2.93 9.30 11.29
C ALA A 387 -2.88 8.27 12.40
N GLY A 388 -1.76 7.55 12.46
CA GLY A 388 -1.47 6.66 13.56
C GLY A 388 -0.25 7.12 14.31
N PRO A 389 0.08 6.45 15.40
CA PRO A 389 1.29 6.82 16.14
C PRO A 389 2.55 6.46 15.39
N ASN A 390 3.66 7.02 15.85
CA ASN A 390 4.94 6.58 15.32
C ASN A 390 5.29 5.21 15.88
N PRO A 391 5.87 4.32 15.06
CA PRO A 391 6.35 3.05 15.61
C PRO A 391 7.49 3.30 16.60
N LYS A 392 7.59 2.41 17.58
CA LYS A 392 8.69 2.60 18.53
C LYS A 392 9.82 1.65 18.19
N PRO A 393 11.05 2.14 18.06
CA PRO A 393 12.16 1.24 17.71
C PRO A 393 12.51 0.31 18.85
N SER A 394 13.00 -0.87 18.49
CA SER A 394 13.37 -1.88 19.48
C SER A 394 14.88 -1.99 19.63
#